data_2NXL
#
_entry.id   2NXL
#
_cell.length_a   50.861
_cell.length_b   57.500
_cell.length_c   61.887
_cell.angle_alpha   90.00
_cell.angle_beta   90.00
_cell.angle_gamma   90.00
#
_symmetry.space_group_name_H-M   'P 21 21 21'
#
loop_
_entity.id
_entity.type
_entity.pdbx_description
1 polymer 'PROTEASE RETROPEPSIN'
2 polymer 'Analogue of RT-RH pol protease substrate peptide'
3 non-polymer 'PHOSPHATE ION'
4 water water
#
loop_
_entity_poly.entity_id
_entity_poly.type
_entity_poly.pdbx_seq_one_letter_code
_entity_poly.pdbx_strand_id
1 'polypeptide(L)'
;PQITLWKRPLVTIRIGGQLKEALLNTGADDTVLEEMNLPGKWKPKMIGGIGGFIKVRQYDQIPIEICGHKAIGTVLVGPT
PVNIIGRNLLTQIGCTLNF
;
A,B
2 'polypeptide(L)' GAEVFYVDGA P
#
# COMPACT_ATOMS: atom_id res chain seq x y z
N PRO A 1 -5.05 -18.19 -2.74
CA PRO A 1 -3.88 -18.50 -1.92
C PRO A 1 -3.83 -17.69 -0.62
N GLN A 2 -2.95 -18.13 0.27
CA GLN A 2 -2.46 -17.33 1.39
C GLN A 2 -1.07 -16.80 1.05
N ILE A 3 -0.89 -15.48 1.16
CA ILE A 3 0.33 -14.82 0.74
C ILE A 3 0.99 -14.14 1.94
N THR A 4 2.21 -14.55 2.27
CA THR A 4 2.93 -13.91 3.35
C THR A 4 3.64 -12.66 2.84
N LEU A 5 4.21 -11.89 3.76
CA LEU A 5 4.66 -10.52 3.46
C LEU A 5 6.14 -10.24 3.66
N TRP A 6 6.96 -11.30 3.65
CA TRP A 6 8.40 -11.13 3.81
C TRP A 6 9.00 -10.58 2.52
N LYS A 7 8.29 -10.76 1.40
CA LYS A 7 8.66 -10.12 0.13
C LYS A 7 7.45 -9.30 -0.33
N ARG A 8 7.68 -8.35 -1.23
CA ARG A 8 6.57 -7.61 -1.84
C ARG A 8 5.58 -8.61 -2.47
N PRO A 9 4.26 -8.41 -2.24
CA PRO A 9 3.27 -9.28 -2.85
C PRO A 9 3.00 -8.95 -4.33
N LEU A 10 3.96 -9.34 -5.17
CA LEU A 10 3.86 -9.15 -6.62
C LEU A 10 3.15 -10.36 -7.24
N VAL A 11 2.21 -10.09 -8.13
CA VAL A 11 1.51 -11.15 -8.84
C VAL A 11 1.41 -10.82 -10.32
N THR A 12 1.16 -11.85 -11.11
CA THR A 12 0.96 -11.68 -12.55
C THR A 12 -0.49 -11.29 -12.78
N ILE A 13 -0.68 -10.28 -13.62
CA ILE A 13 -2.02 -9.89 -14.05
C ILE A 13 -2.13 -9.98 -15.57
N ARG A 14 -3.35 -10.12 -16.07
CA ARG A 14 -3.61 -10.02 -17.50
C ARG A 14 -4.58 -8.88 -17.74
N ILE A 15 -4.21 -7.98 -18.66
CA ILE A 15 -5.04 -6.82 -18.99
C ILE A 15 -4.82 -6.41 -20.43
N GLY A 16 -5.90 -6.09 -21.13
CA GLY A 16 -5.81 -5.77 -22.56
C GLY A 16 -5.10 -6.85 -23.34
N GLY A 17 -5.22 -8.10 -22.88
CA GLY A 17 -4.54 -9.23 -23.49
C GLY A 17 -3.08 -9.41 -23.11
N GLN A 18 -2.54 -8.50 -22.31
CA GLN A 18 -1.12 -8.49 -21.96
C GLN A 18 -0.85 -8.90 -20.52
N LEU A 19 0.27 -9.58 -20.30
CA LEU A 19 0.66 -9.97 -18.95
C LEU A 19 1.56 -8.91 -18.34
N LYS A 20 1.37 -8.64 -17.06
CA LYS A 20 2.18 -7.67 -16.33
C LYS A 20 2.34 -8.17 -14.90
N GLU A 21 3.36 -7.67 -14.19
N GLU A 21 3.29 -7.61 -14.17
CA GLU A 21 3.48 -7.90 -12.76
CA GLU A 21 3.44 -7.92 -12.75
C GLU A 21 2.83 -6.71 -12.05
C GLU A 21 3.00 -6.72 -11.92
N ALA A 22 2.17 -6.98 -10.92
CA ALA A 22 1.57 -5.91 -10.12
C ALA A 22 1.62 -6.22 -8.63
N LEU A 23 1.53 -5.16 -7.84
CA LEU A 23 1.76 -5.19 -6.39
C LEU A 23 0.40 -5.14 -5.71
N LEU A 24 0.08 -6.16 -4.92
CA LEU A 24 -1.17 -6.15 -4.14
C LEU A 24 -1.02 -5.18 -2.97
N ASN A 25 -1.77 -4.09 -3.04
CA ASN A 25 -1.55 -2.93 -2.21
C ASN A 25 -2.81 -2.55 -1.44
N THR A 26 -2.87 -3.00 -0.19
CA THR A 26 -3.99 -2.68 0.68
C THR A 26 -3.97 -1.22 1.14
N GLY A 27 -2.86 -0.52 0.90
CA GLY A 27 -2.74 0.91 1.14
C GLY A 27 -3.05 1.81 -0.04
N ALA A 28 -3.65 1.25 -1.07
CA ALA A 28 -4.11 1.98 -2.23
C ALA A 28 -5.64 1.89 -2.37
N ASP A 29 -6.31 3.04 -2.42
CA ASP A 29 -7.75 3.07 -2.65
C ASP A 29 -8.07 2.58 -4.08
N ASP A 30 -7.20 2.93 -5.03
CA ASP A 30 -7.43 2.72 -6.45
C ASP A 30 -6.31 1.87 -7.03
N THR A 31 -6.55 1.41 -8.24
CA THR A 31 -5.57 0.62 -9.00
C THR A 31 -4.90 1.59 -9.99
N VAL A 32 -3.57 1.60 -9.98
N VAL A 32 -3.56 1.61 -10.00
CA VAL A 32 -2.77 2.44 -10.89
CA VAL A 32 -2.82 2.46 -10.94
C VAL A 32 -1.74 1.57 -11.59
C VAL A 32 -1.70 1.67 -11.59
N LEU A 33 -1.75 1.59 -12.92
CA LEU A 33 -0.74 0.87 -13.71
C LEU A 33 0.21 1.83 -14.43
N GLU A 34 1.43 1.37 -14.65
CA GLU A 34 2.41 2.05 -15.47
C GLU A 34 1.84 2.41 -16.83
N GLU A 35 2.41 3.44 -17.44
CA GLU A 35 1.96 3.95 -18.72
C GLU A 35 1.75 2.82 -19.74
N MET A 36 0.58 2.78 -20.35
CA MET A 36 0.25 1.75 -21.35
C MET A 36 -0.99 2.24 -22.09
N ASN A 37 -1.25 1.64 -23.26
CA ASN A 37 -2.50 1.85 -23.97
C ASN A 37 -3.59 0.93 -23.38
N LEU A 38 -4.76 1.48 -23.10
CA LEU A 38 -5.94 0.65 -22.83
C LEU A 38 -7.05 1.07 -23.78
N PRO A 39 -7.89 0.12 -24.21
CA PRO A 39 -8.94 0.50 -25.15
C PRO A 39 -10.00 1.39 -24.52
N GLY A 40 -10.61 2.25 -25.33
CA GLY A 40 -11.75 3.05 -24.90
C GLY A 40 -11.42 4.43 -24.39
N LYS A 41 -12.46 5.10 -23.90
CA LYS A 41 -12.38 6.47 -23.43
C LYS A 41 -11.82 6.51 -22.02
N TRP A 42 -11.07 7.57 -21.74
CA TRP A 42 -10.55 7.80 -20.39
C TRP A 42 -10.83 9.23 -19.96
N LYS A 43 -10.75 9.48 -18.66
CA LYS A 43 -10.92 10.80 -18.09
C LYS A 43 -9.65 11.17 -17.31
N PRO A 44 -9.17 12.42 -17.47
CA PRO A 44 -8.02 12.86 -16.69
C PRO A 44 -8.37 12.94 -15.21
N LYS A 45 -7.48 12.45 -14.38
CA LYS A 45 -7.69 12.47 -12.94
C LYS A 45 -6.35 12.71 -12.27
N MET A 46 -6.38 13.10 -11.01
CA MET A 46 -5.18 13.16 -10.19
C MET A 46 -5.36 12.29 -8.94
N ILE A 47 -4.29 11.63 -8.55
CA ILE A 47 -4.23 10.82 -7.33
C ILE A 47 -2.99 11.13 -6.51
N GLY A 48 -3.09 10.96 -5.20
CA GLY A 48 -2.05 11.36 -4.29
C GLY A 48 -1.50 10.21 -3.49
N GLY A 49 -0.30 10.43 -2.95
CA GLY A 49 0.27 9.49 -2.00
C GLY A 49 1.44 10.17 -1.30
N ILE A 50 2.40 9.37 -0.86
CA ILE A 50 3.63 9.90 -0.31
C ILE A 50 4.38 10.54 -1.48
N GLY A 51 4.89 11.75 -1.28
CA GLY A 51 5.57 12.45 -2.35
C GLY A 51 4.64 13.33 -3.16
N GLY A 52 3.33 13.28 -2.88
CA GLY A 52 2.40 14.20 -3.53
C GLY A 52 1.55 13.58 -4.61
N PHE A 53 1.16 14.38 -5.60
CA PHE A 53 0.16 13.96 -6.59
C PHE A 53 0.76 13.71 -7.96
N ILE A 54 0.08 12.87 -8.73
CA ILE A 54 0.44 12.63 -10.13
C ILE A 54 -0.83 12.71 -10.97
N LYS A 55 -0.65 13.01 -12.25
CA LYS A 55 -1.73 12.97 -13.24
C LYS A 55 -1.86 11.57 -13.83
N VAL A 56 -3.11 11.10 -13.94
CA VAL A 56 -3.41 9.79 -14.48
C VAL A 56 -4.59 9.86 -15.46
N ARG A 57 -4.74 8.81 -16.26
CA ARG A 57 -5.89 8.61 -17.12
C ARG A 57 -6.75 7.56 -16.43
N GLN A 58 -8.03 7.87 -16.24
CA GLN A 58 -8.97 6.93 -15.62
C GLN A 58 -9.77 6.19 -16.70
N TYR A 59 -9.61 4.87 -16.72
CA TYR A 59 -10.42 3.98 -17.54
C TYR A 59 -11.38 3.22 -16.63
N ASP A 60 -12.67 3.27 -16.91
CA ASP A 60 -13.65 2.55 -16.11
C ASP A 60 -14.02 1.18 -16.70
N GLN A 61 -14.51 0.27 -15.86
CA GLN A 61 -15.07 -1.00 -16.28
C GLN A 61 -14.11 -1.79 -17.16
N ILE A 62 -12.83 -1.83 -16.77
CA ILE A 62 -11.80 -2.55 -17.50
C ILE A 62 -11.59 -3.95 -16.93
N PRO A 63 -11.74 -5.01 -17.74
CA PRO A 63 -11.47 -6.35 -17.24
C PRO A 63 -9.99 -6.59 -16.97
N ILE A 64 -9.73 -7.23 -15.84
CA ILE A 64 -8.38 -7.61 -15.46
C ILE A 64 -8.44 -8.92 -14.66
N GLU A 65 -7.58 -9.86 -15.02
CA GLU A 65 -7.44 -11.10 -14.27
C GLU A 65 -6.22 -11.01 -13.34
N ILE A 66 -6.43 -11.23 -12.06
CA ILE A 66 -5.39 -11.04 -11.06
C ILE A 66 -5.14 -12.42 -10.46
N CYS A 67 -3.95 -12.94 -10.66
CA CYS A 67 -3.75 -14.38 -10.62
C CYS A 67 -4.74 -14.91 -11.65
N GLY A 68 -5.61 -15.82 -11.23
CA GLY A 68 -6.62 -16.36 -12.14
C GLY A 68 -8.01 -15.85 -11.82
N HIS A 69 -8.10 -14.80 -11.01
CA HIS A 69 -9.40 -14.28 -10.56
C HIS A 69 -9.80 -13.09 -11.41
N LYS A 70 -11.06 -13.04 -11.82
CA LYS A 70 -11.55 -12.03 -12.74
C LYS A 70 -12.09 -10.82 -11.99
N ALA A 71 -11.72 -9.64 -12.47
CA ALA A 71 -12.24 -8.38 -11.94
C ALA A 71 -12.58 -7.50 -13.13
N ILE A 72 -13.53 -6.59 -12.94
CA ILE A 72 -13.82 -5.59 -13.95
C ILE A 72 -14.06 -4.29 -13.19
N GLY A 73 -13.18 -3.32 -13.39
CA GLY A 73 -13.28 -2.10 -12.63
C GLY A 73 -12.40 -0.99 -13.15
N THR A 74 -12.28 0.04 -12.32
CA THR A 74 -11.56 1.25 -12.64
C THR A 74 -10.04 1.01 -12.55
N VAL A 75 -9.39 1.33 -13.66
CA VAL A 75 -7.94 1.24 -13.73
C VAL A 75 -7.37 2.59 -14.15
N LEU A 76 -6.48 3.11 -13.31
CA LEU A 76 -5.78 4.36 -13.58
C LEU A 76 -4.44 4.04 -14.21
N VAL A 77 -4.04 4.88 -15.17
CA VAL A 77 -2.81 4.67 -15.92
C VAL A 77 -2.01 5.97 -15.83
N GLY A 78 -0.77 5.85 -15.37
CA GLY A 78 0.11 7.01 -15.26
C GLY A 78 1.48 6.63 -14.72
N PRO A 79 2.25 7.65 -14.30
CA PRO A 79 3.65 7.46 -13.88
C PRO A 79 3.79 6.99 -12.44
N THR A 80 3.11 5.90 -12.13
CA THR A 80 3.29 5.19 -10.86
C THR A 80 4.65 4.49 -10.91
N PRO A 81 5.34 4.44 -9.76
CA PRO A 81 6.60 3.72 -9.68
C PRO A 81 6.53 2.24 -10.00
N VAL A 82 5.38 1.64 -9.67
CA VAL A 82 5.12 0.22 -9.85
C VAL A 82 3.63 0.00 -10.11
N ASN A 83 3.31 -1.03 -10.88
CA ASN A 83 1.94 -1.48 -11.09
C ASN A 83 1.33 -1.86 -9.76
N ILE A 84 0.21 -1.21 -9.44
CA ILE A 84 -0.44 -1.33 -8.16
C ILE A 84 -1.91 -1.75 -8.33
N ILE A 85 -2.27 -2.85 -7.66
CA ILE A 85 -3.64 -3.28 -7.56
C ILE A 85 -4.16 -2.79 -6.21
N GLY A 86 -5.22 -1.98 -6.29
CA GLY A 86 -5.77 -1.32 -5.12
C GLY A 86 -7.03 -1.99 -4.63
N ARG A 87 -7.56 -1.43 -3.55
CA ARG A 87 -8.74 -2.00 -2.90
C ARG A 87 -9.93 -2.16 -3.85
N ASN A 88 -10.11 -1.23 -4.79
CA ASN A 88 -11.28 -1.35 -5.67
C ASN A 88 -11.31 -2.71 -6.38
N LEU A 89 -10.15 -3.29 -6.68
CA LEU A 89 -10.09 -4.59 -7.33
C LEU A 89 -9.81 -5.73 -6.35
N LEU A 90 -9.11 -5.42 -5.28
CA LEU A 90 -8.81 -6.45 -4.29
C LEU A 90 -10.11 -6.99 -3.70
N THR A 91 -11.09 -6.12 -3.50
CA THR A 91 -12.39 -6.52 -2.99
C THR A 91 -13.08 -7.43 -4.00
N GLN A 92 -12.91 -7.17 -5.29
CA GLN A 92 -13.63 -7.92 -6.32
C GLN A 92 -13.17 -9.36 -6.36
N ILE A 93 -11.89 -9.61 -6.08
CA ILE A 93 -11.33 -10.96 -6.08
C ILE A 93 -11.41 -11.62 -4.71
N GLY A 94 -12.01 -10.96 -3.72
CA GLY A 94 -12.28 -11.59 -2.45
C GLY A 94 -11.10 -11.57 -1.50
N CYS A 95 -10.23 -10.57 -1.66
CA CYS A 95 -8.99 -10.52 -0.90
C CYS A 95 -9.25 -9.88 0.47
N THR A 96 -8.70 -10.50 1.51
CA THR A 96 -8.73 -9.95 2.87
C THR A 96 -7.34 -9.99 3.51
N LEU A 97 -7.16 -9.17 4.54
CA LEU A 97 -6.04 -9.31 5.45
C LEU A 97 -6.42 -10.18 6.64
N ASN A 98 -5.48 -11.00 7.08
CA ASN A 98 -5.70 -11.95 8.17
C ASN A 98 -4.49 -12.06 9.11
N PHE A 99 -4.73 -11.97 10.41
CA PHE A 99 -3.69 -12.19 11.41
C PHE A 99 -4.34 -12.62 12.70
N PRO B 1 -7.59 -11.45 13.62
CA PRO B 1 -8.84 -11.05 12.98
C PRO B 1 -8.75 -11.17 11.46
N GLN B 2 -9.90 -11.04 10.80
CA GLN B 2 -9.94 -10.94 9.35
C GLN B 2 -10.43 -9.54 9.03
N ILE B 3 -9.71 -8.86 8.15
CA ILE B 3 -10.06 -7.48 7.78
C ILE B 3 -10.33 -7.41 6.29
N THR B 4 -11.52 -6.92 6.01
CA THR B 4 -12.10 -6.84 4.70
C THR B 4 -11.56 -5.52 4.10
N LEU B 5 -11.65 -5.33 2.78
CA LEU B 5 -11.00 -4.20 2.10
C LEU B 5 -11.98 -3.26 1.41
N TRP B 6 -13.24 -3.29 1.83
CA TRP B 6 -14.23 -2.33 1.36
C TRP B 6 -13.85 -0.89 1.70
N LYS B 7 -13.27 -0.73 2.88
CA LYS B 7 -12.76 0.55 3.35
C LYS B 7 -11.27 0.40 3.68
N ARG B 8 -10.59 1.51 3.91
CA ARG B 8 -9.19 1.48 4.31
C ARG B 8 -9.03 0.62 5.56
N PRO B 9 -8.08 -0.33 5.55
CA PRO B 9 -7.89 -1.17 6.71
C PRO B 9 -7.09 -0.49 7.81
N LEU B 10 -7.78 0.38 8.53
CA LEU B 10 -7.23 1.12 9.66
C LEU B 10 -7.46 0.35 10.95
N VAL B 11 -6.42 0.33 11.79
CA VAL B 11 -6.52 -0.34 13.08
C VAL B 11 -5.83 0.54 14.11
N THR B 12 -6.02 0.21 15.39
CA THR B 12 -5.37 0.96 16.46
C THR B 12 -4.01 0.35 16.76
N ILE B 13 -3.00 1.22 16.89
CA ILE B 13 -1.66 0.83 17.29
C ILE B 13 -1.29 1.57 18.56
N ARG B 14 -0.30 1.04 19.27
CA ARG B 14 0.22 1.71 20.46
C ARG B 14 1.71 1.88 20.22
N ILE B 15 2.16 3.13 20.21
CA ILE B 15 3.57 3.40 20.00
C ILE B 15 3.99 4.50 20.95
N GLY B 16 5.15 4.29 21.55
CA GLY B 16 5.52 5.00 22.76
C GLY B 16 4.34 4.94 23.71
N GLY B 17 4.02 6.11 24.26
CA GLY B 17 2.81 6.32 25.01
C GLY B 17 1.65 6.96 24.26
N GLN B 18 1.34 6.45 23.08
CA GLN B 18 0.24 6.99 22.29
C GLN B 18 -0.49 5.86 21.57
N LEU B 19 -1.83 5.95 21.56
CA LEU B 19 -2.65 5.19 20.62
C LEU B 19 -2.90 6.05 19.39
N LYS B 20 -2.89 5.42 18.22
CA LYS B 20 -3.06 6.09 16.93
C LYS B 20 -3.84 5.17 15.99
N GLU B 21 -4.48 5.73 14.97
CA GLU B 21 -5.00 4.95 13.85
C GLU B 21 -3.91 4.79 12.81
N ALA B 22 -3.77 3.58 12.28
CA ALA B 22 -2.79 3.28 11.24
C ALA B 22 -3.36 2.36 10.17
N LEU B 23 -2.80 2.50 8.96
CA LEU B 23 -3.26 1.79 7.76
C LEU B 23 -2.41 0.54 7.54
N LEU B 24 -3.02 -0.64 7.59
CA LEU B 24 -2.33 -1.88 7.28
C LEU B 24 -2.01 -1.93 5.79
N ASN B 25 -0.72 -1.77 5.45
CA ASN B 25 -0.28 -1.42 4.09
C ASN B 25 0.68 -2.44 3.46
N THR B 26 0.12 -3.38 2.70
CA THR B 26 0.91 -4.39 2.02
C THR B 26 1.80 -3.81 0.91
N GLY B 27 1.50 -2.58 0.52
CA GLY B 27 2.22 -1.87 -0.51
C GLY B 27 3.35 -1.01 0.02
N ALA B 28 3.70 -1.18 1.29
CA ALA B 28 4.73 -0.40 1.95
C ALA B 28 5.81 -1.33 2.48
N ASP B 29 7.05 -1.14 2.05
CA ASP B 29 8.19 -1.91 2.56
C ASP B 29 8.40 -1.60 4.06
N ASP B 30 8.19 -0.33 4.40
CA ASP B 30 8.53 0.24 5.69
C ASP B 30 7.29 0.80 6.35
N THR B 31 7.42 1.04 7.65
CA THR B 31 6.38 1.63 8.48
C THR B 31 6.68 3.12 8.62
N VAL B 32 5.68 3.94 8.32
CA VAL B 32 5.82 5.40 8.33
C VAL B 32 4.71 6.05 9.14
N LEU B 33 5.11 6.77 10.18
CA LEU B 33 4.19 7.42 11.11
C LEU B 33 4.22 8.92 10.87
N GLU B 34 3.04 9.54 11.03
CA GLU B 34 2.88 10.98 10.97
C GLU B 34 3.82 11.63 11.99
N GLU B 35 4.27 12.85 11.68
CA GLU B 35 5.18 13.57 12.55
C GLU B 35 4.81 13.47 14.03
N MET B 36 5.78 13.09 14.85
CA MET B 36 5.62 13.03 16.29
C MET B 36 6.99 13.13 16.93
N ASN B 37 7.06 13.71 18.12
CA ASN B 37 8.35 14.04 18.72
C ASN B 37 8.90 12.92 19.62
N LEU B 38 9.21 11.79 18.98
CA LEU B 38 9.79 10.63 19.64
C LEU B 38 11.21 10.91 20.15
N PRO B 39 11.51 10.42 21.35
CA PRO B 39 12.89 10.50 21.81
C PRO B 39 13.71 9.41 21.14
N GLY B 40 15.02 9.49 21.32
CA GLY B 40 15.88 8.46 20.76
C GLY B 40 16.69 8.95 19.57
N LYS B 41 17.77 8.22 19.34
CA LYS B 41 18.63 8.43 18.19
C LYS B 41 17.88 8.05 16.94
N TRP B 42 18.23 8.70 15.83
CA TRP B 42 17.59 8.39 14.56
C TRP B 42 18.60 8.64 13.46
N LYS B 43 18.31 8.07 12.29
CA LYS B 43 19.13 8.27 11.11
C LYS B 43 18.23 8.83 10.00
N PRO B 44 18.74 9.78 9.22
CA PRO B 44 17.92 10.27 8.12
C PRO B 44 17.75 9.22 7.01
N LYS B 45 16.59 9.26 6.37
CA LYS B 45 16.28 8.35 5.29
C LYS B 45 15.37 9.10 4.32
N MET B 46 15.36 8.65 3.08
CA MET B 46 14.41 9.13 2.08
C MET B 46 13.61 7.94 1.59
N ILE B 47 12.29 8.08 1.57
CA ILE B 47 11.43 7.00 1.09
C ILE B 47 10.59 7.46 -0.08
N GLY B 48 10.31 6.57 -1.01
CA GLY B 48 9.58 6.95 -2.22
C GLY B 48 8.13 6.55 -2.14
N GLY B 49 7.27 7.41 -2.67
CA GLY B 49 5.87 7.11 -2.91
C GLY B 49 5.44 7.42 -4.35
N ILE B 50 4.14 7.35 -4.64
CA ILE B 50 3.75 7.54 -6.03
C ILE B 50 4.19 8.89 -6.56
N GLY B 51 4.20 9.91 -5.69
CA GLY B 51 4.46 11.29 -6.14
C GLY B 51 5.89 11.78 -6.08
N GLY B 52 6.79 10.99 -5.49
CA GLY B 52 8.20 11.34 -5.36
C GLY B 52 8.69 10.89 -4.00
N PHE B 53 9.80 11.47 -3.54
CA PHE B 53 10.40 11.06 -2.29
C PHE B 53 10.12 12.08 -1.19
N ILE B 54 10.13 11.60 0.06
CA ILE B 54 10.10 12.47 1.23
C ILE B 54 11.22 12.08 2.20
N LYS B 55 11.60 13.06 3.00
CA LYS B 55 12.58 12.87 4.06
C LYS B 55 11.88 12.41 5.34
N VAL B 56 12.46 11.40 5.97
CA VAL B 56 11.97 10.85 7.24
C VAL B 56 13.12 10.60 8.21
N ARG B 57 12.76 10.39 9.47
CA ARG B 57 13.68 10.03 10.53
C ARG B 57 13.45 8.53 10.82
N GLN B 58 14.53 7.76 10.75
CA GLN B 58 14.49 6.33 11.00
C GLN B 58 14.85 6.06 12.45
N TYR B 59 13.89 5.49 13.19
CA TYR B 59 14.10 5.03 14.56
C TYR B 59 14.11 3.50 14.57
N ASP B 60 15.12 2.91 15.19
CA ASP B 60 15.27 1.46 15.29
C ASP B 60 14.86 0.86 16.64
N GLN B 61 14.53 -0.43 16.60
CA GLN B 61 14.17 -1.20 17.80
C GLN B 61 13.08 -0.54 18.64
N ILE B 62 12.02 -0.09 17.97
CA ILE B 62 10.94 0.61 18.67
C ILE B 62 9.80 -0.38 18.90
N PRO B 63 9.41 -0.59 20.17
CA PRO B 63 8.24 -1.45 20.42
C PRO B 63 6.97 -0.82 19.89
N ILE B 64 6.10 -1.63 19.31
CA ILE B 64 4.85 -1.10 18.75
C ILE B 64 3.81 -2.20 18.77
N GLU B 65 2.64 -1.93 19.32
CA GLU B 65 1.61 -2.96 19.41
C GLU B 65 0.52 -2.67 18.37
N ILE B 66 0.14 -3.68 17.60
CA ILE B 66 -0.80 -3.47 16.49
C ILE B 66 -2.01 -4.35 16.74
N CYS B 67 -3.11 -3.71 17.09
CA CYS B 67 -4.35 -4.43 17.30
C CYS B 67 -4.13 -5.54 18.34
N GLY B 68 -3.37 -5.24 19.39
CA GLY B 68 -3.11 -6.19 20.47
C GLY B 68 -1.91 -7.10 20.27
N HIS B 69 -1.37 -7.12 19.05
CA HIS B 69 -0.21 -7.96 18.74
C HIS B 69 1.08 -7.14 18.87
N LYS B 70 1.98 -7.60 19.73
CA LYS B 70 3.22 -6.87 20.00
C LYS B 70 4.25 -7.10 18.90
N ALA B 71 4.95 -6.02 18.55
CA ALA B 71 6.00 -6.07 17.53
C ALA B 71 7.12 -5.14 17.99
N ILE B 72 8.27 -5.24 17.34
CA ILE B 72 9.36 -4.32 17.61
C ILE B 72 10.20 -4.21 16.36
N GLY B 73 10.55 -2.98 16.00
CA GLY B 73 11.25 -2.78 14.75
C GLY B 73 11.51 -1.33 14.37
N THR B 74 11.86 -1.15 13.11
CA THR B 74 12.17 0.16 12.57
C THR B 74 10.89 0.91 12.23
N VAL B 75 10.80 2.13 12.74
CA VAL B 75 9.69 3.02 12.51
C VAL B 75 10.24 4.32 11.93
N LEU B 76 9.68 4.75 10.79
CA LEU B 76 10.04 6.01 10.16
C LEU B 76 9.00 7.07 10.51
N VAL B 77 9.46 8.28 10.81
CA VAL B 77 8.60 9.40 11.18
C VAL B 77 8.84 10.55 10.19
N GLY B 78 7.76 11.10 9.66
CA GLY B 78 7.86 12.24 8.78
C GLY B 78 6.48 12.69 8.30
N PRO B 79 6.47 13.59 7.31
CA PRO B 79 5.22 14.23 6.92
C PRO B 79 4.42 13.35 5.96
N THR B 80 3.98 12.20 6.46
CA THR B 80 3.00 11.34 5.79
C THR B 80 1.63 11.83 6.26
N PRO B 81 0.61 11.82 5.39
CA PRO B 81 -0.74 12.17 5.81
C PRO B 81 -1.48 11.09 6.61
N VAL B 82 -0.92 9.89 6.68
CA VAL B 82 -1.54 8.76 7.35
C VAL B 82 -0.45 7.90 7.98
N ASN B 83 -0.73 7.34 9.15
CA ASN B 83 0.16 6.36 9.75
C ASN B 83 0.06 5.06 8.92
N ILE B 84 1.22 4.53 8.56
CA ILE B 84 1.34 3.39 7.67
C ILE B 84 2.09 2.25 8.33
N ILE B 85 1.41 1.13 8.49
CA ILE B 85 2.10 -0.09 8.93
C ILE B 85 2.56 -0.86 7.69
N GLY B 86 3.89 -0.99 7.56
CA GLY B 86 4.48 -1.67 6.42
C GLY B 86 4.81 -3.13 6.66
N ARG B 87 5.29 -3.77 5.60
CA ARG B 87 5.64 -5.17 5.67
C ARG B 87 6.61 -5.57 6.78
N ASN B 88 7.53 -4.68 7.12
CA ASN B 88 8.50 -4.98 8.19
C ASN B 88 7.82 -5.39 9.50
N LEU B 89 6.67 -4.80 9.81
CA LEU B 89 5.90 -5.16 11.01
C LEU B 89 4.75 -6.11 10.73
N LEU B 90 4.14 -6.04 9.55
CA LEU B 90 3.04 -6.96 9.25
C LEU B 90 3.52 -8.41 9.35
N THR B 91 4.75 -8.67 8.92
CA THR B 91 5.31 -10.02 9.06
C THR B 91 5.39 -10.45 10.52
N GLN B 92 5.78 -9.54 11.41
CA GLN B 92 5.93 -9.86 12.83
C GLN B 92 4.61 -10.26 13.49
N ILE B 93 3.51 -9.72 12.97
CA ILE B 93 2.20 -10.03 13.54
C ILE B 93 1.46 -11.17 12.83
N GLY B 94 2.16 -11.83 11.90
CA GLY B 94 1.61 -12.99 11.22
C GLY B 94 0.49 -12.62 10.25
N CYS B 95 0.59 -11.44 9.66
CA CYS B 95 -0.39 -10.94 8.71
C CYS B 95 -0.19 -11.48 7.30
N THR B 96 -1.28 -12.00 6.74
CA THR B 96 -1.31 -12.49 5.37
C THR B 96 -2.42 -11.83 4.54
N LEU B 97 -2.26 -11.93 3.22
CA LEU B 97 -3.30 -11.65 2.26
C LEU B 97 -3.88 -12.98 1.82
N ASN B 98 -5.19 -13.01 1.63
CA ASN B 98 -5.88 -14.26 1.39
C ASN B 98 -6.98 -14.08 0.37
N PHE B 99 -7.04 -14.95 -0.63
CA PHE B 99 -8.19 -14.99 -1.52
C PHE B 99 -8.24 -16.31 -2.28
N ALA C 2 -8.36 10.42 -4.69
CA ALA C 2 -8.07 9.18 -3.89
C ALA C 2 -6.56 8.96 -3.75
N GLU C 3 -6.21 7.99 -2.92
CA GLU C 3 -4.84 7.92 -2.43
C GLU C 3 -4.24 6.52 -2.49
N VAL C 4 -2.98 6.51 -2.87
CA VAL C 4 -2.22 5.31 -3.09
C VAL C 4 -0.91 5.41 -2.29
N PHE C 5 -0.90 4.76 -1.13
CA PHE C 5 0.23 4.82 -0.21
C PHE C 5 1.26 3.68 -0.41
N TYR C 6 1.68 3.52 -1.65
CA TYR C 6 2.93 2.80 -1.92
C TYR C 6 4.12 3.42 -1.17
N VAL C 7 4.96 2.58 -0.59
CA VAL C 7 6.19 3.03 0.04
C VAL C 7 7.37 2.12 -0.36
N ASP C 8 8.32 2.77 -1.01
CA ASP C 8 9.56 2.16 -1.50
C ASP C 8 10.64 2.43 -0.46
N GLY C 9 11.06 1.39 0.24
CA GLY C 9 12.05 1.52 1.30
C GLY C 9 13.49 1.80 0.91
N ALA C 10 13.81 1.87 -0.38
CA ALA C 10 15.16 2.25 -0.79
C ALA C 10 15.42 3.71 -0.42
#